data_5DAB
#
_entry.id   5DAB
#
_cell.length_a   142.681
_cell.length_b   142.681
_cell.length_c   81.998
_cell.angle_alpha   90.00
_cell.angle_beta   90.00
_cell.angle_gamma   120.00
#
_symmetry.space_group_name_H-M   'H 3'
#
loop_
_entity.id
_entity.type
_entity.pdbx_description
1 polymer 'Alpha-ketoglutarate-dependent dioxygenase FTO'
2 non-polymer 'CHLORIDE ION'
3 non-polymer 'FE (II) ION'
4 non-polymer '2-OXOGLUTARIC ACID'
5 non-polymer N-(5-chloro-2,4-dihydroxyphenyl)-1-phenylcyclobutanecarboxamide
6 water water
#
_entity_poly.entity_id   1
_entity_poly.type   'polypeptide(L)'
_entity_poly.pdbx_seq_one_letter_code
;LESHMTPKDDEFYQQWQLKYPKLILREASSVSEELHKEVQEAFLTLHKHGCLFRDLVRIQGKDLLTPVSRILIGNPGCTY
KYLNTRLFTVPWPVKGSNIKHTEAEIAAACETFLKLNDYLQIETIQALEELAAKEKANEDAVPLCMSADFPRVGMGSSYN
GDVEVDIKSRAAYNVTLLNFMDPQKMPYLKEEPYFGMGKMAVSWHHDENLVDRSAVAVYSYSCEGPEEESEDDSHLEGRD
PDIWHVGFKISWDIETPGLAIPLHQGDCYFMLDDLNATHQHCVLAGSQPRFSSTHRVAECSTGTLDYILQRCQLALQNVC
DDVDNDDVSLKSFEPAVLKQGEEIHNEVEFEWLRQFWFQGNRYRKCTDWWCQPMAQLEALWKKMEGVTNAVLHEVKREGL
PVEQRNEILTAILASLTARQNLRREWHARCQSRIARTLPADQKPECRPYWEKDDASMPLPFDLTDIVSELRGQLLEAKP
;
_entity_poly.pdbx_strand_id   A
#
loop_
_chem_comp.id
_chem_comp.type
_chem_comp.name
_chem_comp.formula
58W non-polymer N-(5-chloro-2,4-dihydroxyphenyl)-1-phenylcyclobutanecarboxamide 'C17 H16 Cl N O3'
AKG non-polymer '2-OXOGLUTARIC ACID' 'C5 H6 O5'
CL non-polymer 'CHLORIDE ION' 'Cl -1'
FE2 non-polymer 'FE (II) ION' 'Fe 2'
#
# COMPACT_ATOMS: atom_id res chain seq x y z
N LEU A 1 21.24 30.56 5.33
CA LEU A 1 20.35 30.18 6.41
C LEU A 1 19.16 29.38 5.88
N GLU A 2 18.71 28.40 6.65
CA GLU A 2 17.62 27.55 6.22
C GLU A 2 16.33 27.95 6.92
N SER A 3 15.38 28.46 6.12
CA SER A 3 14.16 29.04 6.67
C SER A 3 12.90 28.55 5.98
N HIS A 4 11.77 28.77 6.63
CA HIS A 4 10.47 28.37 6.12
C HIS A 4 9.47 29.46 6.47
N MET A 5 8.24 29.29 6.01
CA MET A 5 7.20 30.25 6.31
C MET A 5 6.06 29.61 7.09
N THR A 6 5.56 30.35 8.06
CA THR A 6 4.41 29.94 8.86
C THR A 6 3.41 31.10 8.83
N PRO A 7 2.22 30.90 9.42
CA PRO A 7 1.23 31.98 9.52
C PRO A 7 1.78 33.23 10.22
N LYS A 8 2.92 33.13 10.89
CA LYS A 8 3.53 34.30 11.52
C LYS A 8 4.11 35.25 10.48
N ASP A 9 4.67 34.70 9.41
CA ASP A 9 5.33 35.52 8.40
C ASP A 9 4.35 36.24 7.50
N ASP A 10 4.61 37.52 7.26
CA ASP A 10 3.78 38.36 6.40
C ASP A 10 3.63 37.75 5.02
N GLU A 11 4.65 37.02 4.58
CA GLU A 11 4.74 36.50 3.22
C GLU A 11 4.09 35.14 3.03
N PHE A 12 3.82 34.46 4.14
CA PHE A 12 3.17 33.15 4.13
C PHE A 12 1.92 33.18 3.25
N TYR A 13 1.14 34.24 3.39
CA TYR A 13 -0.16 34.34 2.75
C TYR A 13 -0.09 34.53 1.25
N GLN A 14 0.80 35.39 0.79
CA GLN A 14 0.94 35.58 -0.66
C GLN A 14 1.57 34.34 -1.29
N GLN A 15 2.47 33.69 -0.56
CA GLN A 15 3.08 32.46 -1.03
C GLN A 15 2.04 31.36 -1.22
N TRP A 16 1.14 31.24 -0.25
CA TRP A 16 0.06 30.26 -0.33
C TRP A 16 -0.88 30.59 -1.50
N GLN A 17 -1.36 31.84 -1.53
CA GLN A 17 -2.33 32.26 -2.54
C GLN A 17 -1.75 32.16 -3.95
N LEU A 18 -0.47 32.49 -4.10
CA LEU A 18 0.13 32.56 -5.43
C LEU A 18 0.78 31.25 -5.87
N LYS A 19 1.49 30.58 -4.97
CA LYS A 19 2.21 29.37 -5.35
C LYS A 19 1.45 28.07 -5.06
N TYR A 20 0.66 28.04 -3.99
CA TYR A 20 -0.05 26.81 -3.59
C TYR A 20 -1.56 26.95 -3.58
N PRO A 21 -2.17 27.44 -4.67
CA PRO A 21 -3.64 27.55 -4.69
C PRO A 21 -4.37 26.20 -4.74
N LYS A 22 -3.67 25.11 -5.01
CA LYS A 22 -4.32 23.80 -5.05
C LYS A 22 -4.20 23.10 -3.69
N LEU A 23 -3.76 23.87 -2.70
CA LEU A 23 -3.69 23.41 -1.32
C LEU A 23 -4.78 24.09 -0.49
N ILE A 24 -5.70 23.29 0.03
CA ILE A 24 -6.81 23.82 0.82
C ILE A 24 -6.68 23.38 2.29
N LEU A 25 -6.89 24.33 3.20
CA LEU A 25 -7.02 24.03 4.62
C LEU A 25 -8.46 24.33 5.08
N ARG A 26 -9.11 23.32 5.62
CA ARG A 26 -10.42 23.49 6.24
C ARG A 26 -10.29 23.23 7.73
N GLU A 27 -10.39 24.30 8.53
CA GLU A 27 -10.15 24.19 9.96
C GLU A 27 -11.25 23.43 10.71
N ALA A 28 -10.91 22.91 11.87
CA ALA A 28 -11.83 22.11 12.67
C ALA A 28 -13.22 22.75 12.76
N SER A 29 -13.26 24.08 12.91
CA SER A 29 -14.51 24.80 13.10
C SER A 29 -15.50 24.58 11.97
N SER A 30 -15.00 24.20 10.80
CA SER A 30 -15.84 24.05 9.62
C SER A 30 -16.48 22.66 9.54
N VAL A 31 -16.09 21.77 10.45
CA VAL A 31 -16.63 20.42 10.46
C VAL A 31 -17.46 20.22 11.72
N SER A 32 -18.64 19.63 11.58
CA SER A 32 -19.56 19.47 12.70
C SER A 32 -18.86 18.84 13.91
N GLU A 33 -19.14 19.39 15.09
CA GLU A 33 -18.59 18.86 16.33
C GLU A 33 -19.10 17.44 16.55
N GLU A 34 -20.14 17.07 15.82
CA GLU A 34 -20.70 15.73 15.85
C GLU A 34 -19.77 14.75 15.15
N LEU A 35 -19.39 15.08 13.92
CA LEU A 35 -18.49 14.24 13.15
C LEU A 35 -17.15 14.11 13.85
N HIS A 36 -16.70 15.20 14.47
CA HIS A 36 -15.41 15.20 15.16
C HIS A 36 -15.35 14.13 16.25
N LYS A 37 -16.34 14.11 17.12
CA LYS A 37 -16.37 13.15 18.22
C LYS A 37 -16.43 11.70 17.72
N GLU A 38 -17.33 11.43 16.77
CA GLU A 38 -17.47 10.09 16.23
C GLU A 38 -16.17 9.61 15.59
N VAL A 39 -15.49 10.50 14.88
CA VAL A 39 -14.25 10.16 14.20
C VAL A 39 -13.11 9.92 15.19
N GLN A 40 -13.02 10.79 16.19
CA GLN A 40 -11.92 10.73 17.16
C GLN A 40 -12.02 9.48 18.04
N GLU A 41 -13.24 9.11 18.42
CA GLU A 41 -13.43 7.92 19.23
C GLU A 41 -13.26 6.66 18.39
N ALA A 42 -13.47 6.78 17.08
CA ALA A 42 -13.21 5.68 16.16
C ALA A 42 -11.71 5.43 16.12
N PHE A 43 -10.93 6.49 16.01
CA PHE A 43 -9.48 6.40 16.13
C PHE A 43 -9.10 5.66 17.40
N LEU A 44 -9.64 6.14 18.53
CA LEU A 44 -9.31 5.57 19.84
C LEU A 44 -9.72 4.11 19.97
N THR A 45 -10.82 3.74 19.33
CA THR A 45 -11.30 2.36 19.37
C THR A 45 -10.40 1.44 18.55
N LEU A 46 -10.05 1.87 17.34
CA LEU A 46 -9.11 1.13 16.52
C LEU A 46 -7.79 0.94 17.27
N HIS A 47 -7.36 2.01 17.92
CA HIS A 47 -6.12 2.00 18.69
C HIS A 47 -6.20 1.02 19.85
N LYS A 48 -7.28 1.11 20.64
CA LYS A 48 -7.45 0.26 21.81
C LYS A 48 -7.48 -1.22 21.46
N HIS A 49 -8.01 -1.53 20.28
CA HIS A 49 -8.09 -2.91 19.82
C HIS A 49 -6.79 -3.39 19.18
N GLY A 50 -5.78 -2.51 19.15
CA GLY A 50 -4.49 -2.85 18.59
C GLY A 50 -4.53 -3.07 17.09
N CYS A 51 -5.40 -2.33 16.40
CA CYS A 51 -5.60 -2.51 14.96
C CYS A 51 -4.53 -1.83 14.10
N LEU A 52 -3.82 -0.85 14.66
CA LEU A 52 -2.79 -0.14 13.92
C LEU A 52 -1.40 -0.72 14.16
N PHE A 53 -0.67 -0.95 13.08
CA PHE A 53 0.62 -1.63 13.16
C PHE A 53 1.73 -0.87 12.45
N ARG A 54 2.94 -0.99 12.99
CA ARG A 54 4.13 -0.56 12.27
C ARG A 54 4.47 -1.63 11.24
N ASP A 55 5.10 -1.22 10.14
CA ASP A 55 5.43 -2.16 9.09
C ASP A 55 6.95 -2.35 8.91
N LEU A 56 7.34 -3.59 8.68
CA LEU A 56 8.72 -3.92 8.37
C LEU A 56 8.91 -3.84 6.85
N VAL A 57 9.17 -2.64 6.35
CA VAL A 57 9.25 -2.40 4.92
C VAL A 57 10.67 -2.59 4.38
N ARG A 58 10.80 -2.46 3.06
CA ARG A 58 12.11 -2.55 2.40
C ARG A 58 12.28 -1.37 1.45
N ILE A 59 13.30 -0.55 1.71
CA ILE A 59 13.56 0.64 0.91
C ILE A 59 15.02 0.70 0.50
N GLN A 60 15.28 0.71 -0.81
CA GLN A 60 16.64 0.75 -1.32
C GLN A 60 17.53 -0.31 -0.66
N GLY A 61 17.07 -1.56 -0.70
CA GLY A 61 17.82 -2.67 -0.14
C GLY A 61 17.84 -2.71 1.38
N LYS A 62 17.20 -1.73 2.00
CA LYS A 62 17.23 -1.60 3.46
C LYS A 62 15.95 -2.09 4.12
N ASP A 63 16.08 -2.99 5.10
CA ASP A 63 14.96 -3.36 5.94
C ASP A 63 14.75 -2.32 7.04
N LEU A 64 13.59 -1.65 7.01
CA LEU A 64 13.32 -0.57 7.95
C LEU A 64 11.95 -0.68 8.60
N LEU A 65 11.90 -0.50 9.91
CA LEU A 65 10.65 -0.50 10.65
C LEU A 65 10.08 0.90 10.69
N THR A 66 8.84 1.07 10.23
CA THR A 66 8.20 2.37 10.18
C THR A 66 7.90 2.90 11.57
N PRO A 67 8.40 4.11 11.89
CA PRO A 67 8.07 4.78 13.14
C PRO A 67 6.56 4.95 13.27
N VAL A 68 5.89 5.16 12.15
CA VAL A 68 4.45 5.35 12.15
C VAL A 68 3.71 4.01 12.07
N SER A 69 2.64 3.87 12.84
CA SER A 69 1.82 2.67 12.71
C SER A 69 0.54 3.03 11.96
N ARG A 70 -0.04 2.05 11.27
CA ARG A 70 -1.08 2.36 10.31
C ARG A 70 -2.06 1.21 10.07
N ILE A 71 -3.18 1.54 9.44
CA ILE A 71 -4.14 0.55 8.98
C ILE A 71 -4.83 1.10 7.74
N LEU A 72 -5.08 0.22 6.78
CA LEU A 72 -5.80 0.59 5.57
C LEU A 72 -7.27 0.18 5.67
N ILE A 73 -8.16 1.16 5.56
CA ILE A 73 -9.60 0.89 5.50
C ILE A 73 -10.12 1.32 4.14
N GLY A 74 -11.07 0.58 3.58
CA GLY A 74 -11.64 0.97 2.30
C GLY A 74 -12.50 -0.08 1.60
N ASN A 75 -12.70 0.11 0.30
CA ASN A 75 -13.54 -0.79 -0.50
C ASN A 75 -13.13 -2.25 -0.35
N PRO A 76 -14.12 -3.13 -0.14
CA PRO A 76 -13.85 -4.57 -0.06
C PRO A 76 -13.00 -5.04 -1.23
N GLY A 77 -11.95 -5.81 -0.94
CA GLY A 77 -11.14 -6.42 -1.99
C GLY A 77 -10.05 -5.49 -2.52
N CYS A 78 -10.04 -4.25 -2.09
CA CYS A 78 -9.08 -3.29 -2.61
C CYS A 78 -7.76 -3.33 -1.84
N THR A 79 -6.66 -3.01 -2.51
CA THR A 79 -5.35 -2.93 -1.86
C THR A 79 -4.62 -1.64 -2.24
N TYR A 80 -3.54 -1.34 -1.53
CA TYR A 80 -2.77 -0.13 -1.76
C TYR A 80 -1.32 -0.34 -1.36
N LYS A 81 -0.40 -0.18 -2.30
CA LYS A 81 1.01 -0.35 -2.00
C LYS A 81 1.58 0.91 -1.35
N TYR A 82 2.28 0.72 -0.22
CA TYR A 82 2.88 1.81 0.53
C TYR A 82 4.28 1.37 0.90
N LEU A 83 5.29 2.08 0.42
CA LEU A 83 6.68 1.69 0.67
C LEU A 83 6.95 0.24 0.26
N ASN A 84 6.43 -0.13 -0.90
CA ASN A 84 6.62 -1.48 -1.45
C ASN A 84 5.84 -2.59 -0.72
N THR A 85 5.12 -2.21 0.33
CA THR A 85 4.28 -3.16 1.06
C THR A 85 2.84 -3.03 0.58
N ARG A 86 2.25 -4.13 0.12
CA ARG A 86 0.85 -4.12 -0.29
C ARG A 86 -0.03 -4.21 0.96
N LEU A 87 -0.69 -3.11 1.30
CA LEU A 87 -1.61 -3.10 2.43
C LEU A 87 -2.98 -3.58 1.97
N PHE A 88 -3.61 -4.42 2.79
CA PHE A 88 -4.90 -5.00 2.44
C PHE A 88 -6.00 -4.35 3.26
N THR A 89 -7.07 -3.98 2.58
CA THR A 89 -8.09 -3.14 3.19
C THR A 89 -8.89 -3.90 4.24
N VAL A 90 -9.13 -3.25 5.37
CA VAL A 90 -10.20 -3.68 6.25
C VAL A 90 -11.43 -3.04 5.64
N PRO A 91 -12.41 -3.85 5.24
CA PRO A 91 -13.50 -3.30 4.43
C PRO A 91 -14.43 -2.38 5.23
N TRP A 92 -14.85 -1.26 4.64
CA TRP A 92 -15.90 -0.45 5.22
C TRP A 92 -17.24 -0.78 4.56
N PRO A 93 -18.35 -0.48 5.25
CA PRO A 93 -19.69 -0.92 4.82
C PRO A 93 -20.21 -0.19 3.59
N VAL A 94 -19.48 -0.30 2.48
CA VAL A 94 -20.01 0.14 1.20
C VAL A 94 -21.13 -0.85 0.86
N LYS A 95 -22.12 -0.41 0.10
CA LYS A 95 -23.23 -1.30 -0.26
C LYS A 95 -22.71 -2.67 -0.65
N GLY A 96 -23.60 -3.67 -0.57
CA GLY A 96 -23.23 -5.07 -0.46
C GLY A 96 -23.04 -5.26 1.03
N SER A 97 -22.38 -6.34 1.45
CA SER A 97 -22.23 -6.53 2.89
C SER A 97 -21.29 -7.67 3.25
N ASN A 98 -20.68 -7.57 4.42
CA ASN A 98 -19.83 -8.62 4.94
C ASN A 98 -20.47 -9.23 6.18
N THR A 102 -17.58 -7.28 12.15
CA THR A 102 -16.24 -7.64 12.62
C THR A 102 -15.97 -7.09 14.01
N GLU A 103 -16.28 -7.89 15.03
CA GLU A 103 -16.02 -7.52 16.42
C GLU A 103 -16.84 -6.31 16.87
N ALA A 104 -17.95 -6.06 16.18
CA ALA A 104 -18.88 -4.99 16.54
C ALA A 104 -18.26 -3.59 16.50
N GLU A 105 -17.35 -3.33 17.43
CA GLU A 105 -16.73 -2.01 17.57
C GLU A 105 -15.87 -1.63 16.37
N ILE A 106 -15.09 -2.59 15.88
CA ILE A 106 -14.24 -2.35 14.72
C ILE A 106 -15.07 -2.08 13.49
N ALA A 107 -16.14 -2.85 13.31
CA ALA A 107 -17.05 -2.66 12.18
C ALA A 107 -17.66 -1.27 12.21
N ALA A 108 -18.05 -0.81 13.39
CA ALA A 108 -18.61 0.52 13.56
C ALA A 108 -17.61 1.60 13.16
N ALA A 109 -16.37 1.46 13.65
CA ALA A 109 -15.32 2.43 13.35
C ALA A 109 -15.07 2.56 11.85
N CYS A 110 -15.11 1.43 11.15
CA CYS A 110 -14.95 1.42 9.70
C CYS A 110 -16.10 2.18 9.04
N GLU A 111 -17.31 1.97 9.55
CA GLU A 111 -18.47 2.68 9.06
C GLU A 111 -18.29 4.18 9.27
N THR A 112 -17.64 4.53 10.37
CA THR A 112 -17.39 5.93 10.67
C THR A 112 -16.44 6.54 9.64
N PHE A 113 -15.40 5.78 9.28
CA PHE A 113 -14.41 6.31 8.34
C PHE A 113 -14.94 6.33 6.92
N LEU A 114 -15.97 5.52 6.66
CA LEU A 114 -16.71 5.61 5.41
C LEU A 114 -17.54 6.89 5.42
N LYS A 115 -18.07 7.21 6.58
CA LYS A 115 -18.85 8.42 6.77
C LYS A 115 -17.97 9.65 6.53
N LEU A 116 -16.79 9.65 7.13
CA LEU A 116 -15.82 10.72 6.92
C LEU A 116 -15.45 10.79 5.44
N ASN A 117 -15.32 9.63 4.81
CA ASN A 117 -15.03 9.56 3.38
C ASN A 117 -16.08 10.29 2.54
N ASP A 118 -17.36 10.01 2.80
CA ASP A 118 -18.44 10.69 2.10
C ASP A 118 -18.29 12.19 2.27
N TYR A 119 -18.12 12.62 3.51
CA TYR A 119 -17.98 14.04 3.81
C TYR A 119 -16.82 14.66 3.05
N LEU A 120 -15.63 14.07 3.20
CA LEU A 120 -14.43 14.59 2.56
C LEU A 120 -14.57 14.62 1.04
N GLN A 121 -15.22 13.59 0.50
CA GLN A 121 -15.45 13.49 -0.93
C GLN A 121 -16.25 14.69 -1.44
N ILE A 122 -17.39 14.96 -0.79
CA ILE A 122 -18.23 16.08 -1.14
C ILE A 122 -17.46 17.40 -1.06
N GLU A 123 -16.71 17.55 0.03
CA GLU A 123 -15.91 18.75 0.24
C GLU A 123 -14.91 18.93 -0.88
N THR A 124 -14.30 17.84 -1.32
CA THR A 124 -13.29 17.86 -2.37
C THR A 124 -13.89 18.28 -3.71
N ILE A 125 -15.00 17.65 -4.07
CA ILE A 125 -15.73 18.01 -5.29
C ILE A 125 -16.04 19.50 -5.27
N GLN A 126 -16.52 19.98 -4.13
CA GLN A 126 -16.77 21.39 -3.92
C GLN A 126 -15.56 22.23 -4.29
N ALA A 127 -14.40 21.87 -3.74
CA ALA A 127 -13.16 22.61 -3.95
C ALA A 127 -12.67 22.55 -5.40
N LEU A 128 -12.81 21.39 -6.03
CA LEU A 128 -12.44 21.25 -7.44
C LEU A 128 -13.32 22.13 -8.33
N GLU A 129 -14.62 22.17 -8.02
CA GLU A 129 -15.55 23.00 -8.79
C GLU A 129 -15.25 24.49 -8.64
N GLU A 130 -14.93 24.92 -7.43
CA GLU A 130 -14.56 26.31 -7.20
C GLU A 130 -13.22 26.62 -7.87
N LEU A 131 -12.34 25.63 -7.91
CA LEU A 131 -11.03 25.78 -8.55
C LEU A 131 -11.19 25.82 -10.07
N ALA A 132 -12.12 25.03 -10.58
CA ALA A 132 -12.42 25.04 -12.00
C ALA A 132 -13.12 26.35 -12.37
N ALA A 133 -13.89 26.87 -11.43
CA ALA A 133 -14.63 28.11 -11.63
C ALA A 133 -13.77 29.31 -11.21
N LYS A 134 -12.48 29.23 -11.48
CA LYS A 134 -11.56 30.32 -11.15
C LYS A 134 -11.00 30.94 -12.42
N GLU A 135 -11.19 30.27 -13.55
CA GLU A 135 -10.74 30.78 -14.84
C GLU A 135 -11.91 31.16 -15.73
N ASP A 162 -18.17 16.68 -19.00
CA ASP A 162 -17.43 15.52 -18.51
C ASP A 162 -16.19 15.95 -17.70
N VAL A 163 -15.86 17.23 -17.78
CA VAL A 163 -14.87 17.81 -16.88
C VAL A 163 -15.39 17.57 -15.46
N GLU A 164 -16.70 17.40 -15.36
CA GLU A 164 -17.36 17.06 -14.11
C GLU A 164 -17.16 15.58 -13.79
N VAL A 165 -17.04 14.76 -14.84
CA VAL A 165 -16.72 13.34 -14.69
C VAL A 165 -15.33 13.18 -14.08
N ASP A 166 -14.36 13.93 -14.62
CA ASP A 166 -13.00 13.89 -14.08
C ASP A 166 -12.95 14.39 -12.64
N ILE A 167 -13.76 15.39 -12.32
CA ILE A 167 -13.80 15.94 -10.97
C ILE A 167 -14.27 14.89 -9.96
N LYS A 168 -15.44 14.30 -10.20
CA LYS A 168 -15.95 13.25 -9.34
C LYS A 168 -14.99 12.06 -9.31
N SER A 169 -14.45 11.72 -10.48
CA SER A 169 -13.47 10.64 -10.59
C SER A 169 -12.28 10.84 -9.66
N ARG A 170 -11.80 12.07 -9.58
CA ARG A 170 -10.60 12.38 -8.82
C ARG A 170 -10.87 12.60 -7.33
N ALA A 171 -12.15 12.61 -6.95
CA ALA A 171 -12.53 12.74 -5.55
C ALA A 171 -13.16 11.46 -5.01
N ALA A 172 -13.27 10.44 -5.85
CA ALA A 172 -13.89 9.18 -5.45
C ALA A 172 -12.94 8.33 -4.61
N TYR A 173 -12.67 8.80 -3.39
CA TYR A 173 -11.76 8.09 -2.49
C TYR A 173 -12.26 6.67 -2.25
N ASN A 174 -11.39 5.69 -2.51
CA ASN A 174 -11.76 4.28 -2.33
C ASN A 174 -11.04 3.67 -1.13
N VAL A 175 -10.23 4.47 -0.46
CA VAL A 175 -9.38 3.94 0.59
C VAL A 175 -8.98 5.09 1.51
N THR A 176 -8.82 4.80 2.79
CA THR A 176 -8.12 5.71 3.69
C THR A 176 -6.98 4.98 4.39
N LEU A 177 -5.83 5.66 4.50
CA LEU A 177 -4.73 5.12 5.27
C LEU A 177 -4.68 5.88 6.60
N LEU A 178 -4.97 5.19 7.70
CA LEU A 178 -4.94 5.80 9.03
C LEU A 178 -3.56 5.65 9.62
N ASN A 179 -3.04 6.73 10.21
CA ASN A 179 -1.71 6.74 10.81
C ASN A 179 -1.72 7.19 12.26
N PHE A 180 -0.76 6.69 13.03
CA PHE A 180 -0.59 7.11 14.43
C PHE A 180 0.90 7.18 14.77
N MET A 181 1.29 8.24 15.48
CA MET A 181 2.62 8.28 16.08
C MET A 181 2.62 8.98 17.42
N ASP A 182 3.30 8.39 18.38
CA ASP A 182 3.61 9.03 19.64
C ASP A 182 5.07 9.43 19.62
N PRO A 183 5.35 10.72 19.37
CA PRO A 183 6.71 11.24 19.18
C PRO A 183 7.58 10.95 20.40
N GLN A 184 6.93 10.85 21.56
CA GLN A 184 7.64 10.60 22.81
C GLN A 184 8.32 9.24 22.78
N LYS A 185 7.81 8.34 21.94
CA LYS A 185 8.32 6.97 21.89
C LYS A 185 9.56 6.84 21.02
N MET A 186 9.92 7.92 20.33
CA MET A 186 11.16 7.95 19.56
C MET A 186 12.29 8.57 20.37
N PRO A 187 13.49 7.95 20.32
CA PRO A 187 14.66 8.47 21.02
C PRO A 187 15.22 9.71 20.32
N TYR A 188 14.98 9.79 19.01
CA TYR A 188 15.53 10.87 18.20
C TYR A 188 14.74 10.96 16.89
N LEU A 189 14.41 12.19 16.48
CA LEU A 189 13.71 12.37 15.22
C LEU A 189 14.58 13.11 14.23
N LYS A 190 14.40 12.79 12.95
CA LYS A 190 15.17 13.43 11.90
C LYS A 190 14.87 14.93 11.87
N GLU A 191 15.91 15.72 11.67
CA GLU A 191 15.77 17.15 11.44
C GLU A 191 15.36 17.41 9.98
N GLU A 192 14.37 18.26 9.76
CA GLU A 192 14.00 18.67 8.40
C GLU A 192 15.20 19.38 7.78
N PRO A 193 15.72 18.81 6.69
CA PRO A 193 17.05 19.16 6.16
C PRO A 193 17.17 20.47 5.38
N TYR A 194 16.07 21.05 4.89
CA TYR A 194 16.22 22.18 3.97
C TYR A 194 15.77 23.57 4.47
N PHE A 195 14.77 23.60 5.35
CA PHE A 195 14.11 24.87 5.64
C PHE A 195 14.06 25.18 7.14
N GLY A 196 14.72 24.34 7.93
CA GLY A 196 14.80 24.56 9.37
C GLY A 196 13.47 24.32 10.06
N MET A 197 12.68 23.40 9.51
CA MET A 197 11.34 23.11 10.02
C MET A 197 11.34 22.23 11.28
N GLY A 198 12.52 21.78 11.71
CA GLY A 198 12.61 20.98 12.91
C GLY A 198 12.30 19.51 12.72
N LYS A 199 11.83 18.87 13.78
CA LYS A 199 11.63 17.42 13.78
C LYS A 199 10.55 16.96 12.82
N MET A 200 10.87 15.93 12.03
CA MET A 200 9.94 15.35 11.08
C MET A 200 9.46 13.98 11.56
N ALA A 201 8.15 13.76 11.50
CA ALA A 201 7.60 12.43 11.71
C ALA A 201 7.69 11.62 10.40
N VAL A 202 7.48 12.30 9.27
CA VAL A 202 7.57 11.69 7.95
C VAL A 202 8.27 12.68 7.02
N SER A 203 9.33 12.24 6.37
CA SER A 203 10.11 13.16 5.55
C SER A 203 9.46 13.42 4.19
N TRP A 204 10.04 14.35 3.44
CA TRP A 204 9.52 14.82 2.17
C TRP A 204 9.25 13.69 1.19
N HIS A 205 8.03 13.64 0.66
CA HIS A 205 7.70 12.63 -0.35
C HIS A 205 6.41 13.04 -1.05
N HIS A 206 6.01 12.24 -2.04
CA HIS A 206 4.69 12.33 -2.65
C HIS A 206 3.86 11.12 -2.19
N ASP A 207 2.54 11.25 -2.19
CA ASP A 207 1.67 10.09 -2.02
C ASP A 207 1.64 9.33 -3.34
N GLU A 208 2.02 8.06 -3.29
CA GLU A 208 2.28 7.32 -4.52
C GLU A 208 1.13 6.40 -4.88
N ASN A 209 1.17 5.91 -6.11
CA ASN A 209 0.22 4.91 -6.60
C ASN A 209 -1.23 5.38 -6.56
N LEU A 210 -1.45 6.65 -6.85
CA LEU A 210 -2.80 7.19 -6.89
C LEU A 210 -3.22 7.42 -8.35
N VAL A 211 -4.52 7.50 -8.57
CA VAL A 211 -5.02 7.84 -9.90
C VAL A 211 -4.44 9.20 -10.32
N ASP A 212 -4.17 9.37 -11.60
CA ASP A 212 -3.61 10.60 -12.11
C ASP A 212 -4.41 11.82 -11.66
N ARG A 213 -3.70 12.79 -11.07
CA ARG A 213 -4.29 14.07 -10.69
C ARG A 213 -5.43 13.93 -9.66
N SER A 214 -5.41 12.83 -8.91
CA SER A 214 -6.44 12.59 -7.92
C SER A 214 -6.17 13.41 -6.65
N ALA A 215 -7.23 13.86 -6.01
CA ALA A 215 -7.10 14.65 -4.80
C ALA A 215 -6.75 13.75 -3.64
N VAL A 216 -6.22 14.35 -2.58
CA VAL A 216 -6.00 13.66 -1.31
C VAL A 216 -6.58 14.52 -0.21
N ALA A 217 -7.31 13.89 0.71
CA ALA A 217 -7.94 14.62 1.81
C ALA A 217 -7.51 14.03 3.14
N VAL A 218 -7.02 14.88 4.04
CA VAL A 218 -6.50 14.42 5.31
C VAL A 218 -7.26 15.03 6.48
N TYR A 219 -7.70 14.16 7.38
CA TYR A 219 -8.27 14.60 8.65
C TYR A 219 -7.22 14.38 9.73
N SER A 220 -6.84 15.44 10.41
CA SER A 220 -5.75 15.42 11.37
C SER A 220 -6.26 15.50 12.81
N TYR A 221 -5.76 14.59 13.65
CA TYR A 221 -6.23 14.48 15.02
C TYR A 221 -5.07 14.49 16.02
N SER A 222 -4.69 15.68 16.47
CA SER A 222 -3.67 15.84 17.49
C SER A 222 -4.33 16.02 18.85
N CYS A 223 -3.55 15.85 19.92
CA CYS A 223 -4.06 16.08 21.28
C CYS A 223 -3.22 17.11 22.03
N HIS A 235 7.59 36.18 21.62
CA HIS A 235 8.74 35.55 21.01
C HIS A 235 8.36 34.27 20.27
N LEU A 236 9.08 33.97 19.19
CA LEU A 236 8.79 32.81 18.36
C LEU A 236 10.06 32.20 17.78
N GLU A 237 10.30 32.47 16.49
CA GLU A 237 11.51 32.08 15.76
C GLU A 237 11.20 31.31 14.48
N GLY A 238 10.20 30.43 14.54
CA GLY A 238 9.78 29.63 13.41
C GLY A 238 8.52 28.87 13.74
N ARG A 239 8.30 27.73 13.09
CA ARG A 239 7.12 26.93 13.44
C ARG A 239 7.19 26.47 14.89
N ASP A 240 6.03 26.34 15.52
CA ASP A 240 5.96 25.90 16.91
C ASP A 240 6.32 24.42 17.02
N PRO A 241 7.41 24.11 17.74
CA PRO A 241 7.90 22.73 17.91
C PRO A 241 6.88 21.78 18.56
N ASP A 242 5.97 22.31 19.37
CA ASP A 242 4.99 21.47 20.07
C ASP A 242 3.76 21.15 19.23
N ILE A 243 3.62 21.82 18.09
CA ILE A 243 2.44 21.68 17.25
C ILE A 243 2.76 20.92 15.98
N TRP A 244 1.87 19.99 15.61
CA TRP A 244 2.02 19.25 14.36
C TRP A 244 1.75 20.15 13.16
N HIS A 245 2.56 20.00 12.12
CA HIS A 245 2.39 20.75 10.88
C HIS A 245 2.49 19.79 9.72
N VAL A 246 1.89 20.17 8.60
CA VAL A 246 2.24 19.56 7.33
C VAL A 246 3.14 20.56 6.61
N GLY A 247 4.28 20.09 6.12
CA GLY A 247 5.17 20.93 5.36
C GLY A 247 5.00 20.71 3.86
N PHE A 248 5.19 21.76 3.07
CA PHE A 248 5.10 21.68 1.61
C PHE A 248 6.28 22.40 0.95
N LYS A 249 6.74 21.84 -0.16
CA LYS A 249 7.77 22.47 -0.99
C LYS A 249 7.50 22.04 -2.43
N ILE A 250 8.05 22.77 -3.39
CA ILE A 250 8.01 22.37 -4.79
C ILE A 250 9.11 21.34 -5.01
N SER A 251 8.80 20.27 -5.75
CA SER A 251 9.83 19.31 -6.14
C SER A 251 11.04 20.01 -6.75
N TRP A 252 12.22 19.47 -6.48
CA TRP A 252 13.48 19.92 -7.08
C TRP A 252 13.97 21.23 -6.48
N ASP A 253 13.13 21.88 -5.70
CA ASP A 253 13.40 23.26 -5.31
C ASP A 253 13.53 23.43 -3.79
N ILE A 254 14.71 23.83 -3.34
CA ILE A 254 14.89 24.20 -1.93
C ILE A 254 15.27 25.67 -1.82
N GLU A 255 15.08 26.41 -2.91
CA GLU A 255 15.32 27.84 -2.95
C GLU A 255 14.13 28.57 -2.39
N THR A 256 12.95 28.24 -2.89
CA THR A 256 11.71 28.79 -2.38
C THR A 256 11.44 28.23 -0.99
N PRO A 257 11.36 29.12 0.01
CA PRO A 257 11.10 28.65 1.38
C PRO A 257 9.85 27.77 1.46
N GLY A 258 9.98 26.62 2.11
CA GLY A 258 8.85 25.73 2.27
C GLY A 258 7.80 26.33 3.18
N LEU A 259 6.57 25.82 3.06
CA LEU A 259 5.45 26.23 3.90
C LEU A 259 5.27 25.22 5.04
N ALA A 260 5.12 25.73 6.26
CA ALA A 260 4.77 24.88 7.40
C ALA A 260 3.39 25.28 7.90
N ILE A 261 2.41 24.42 7.66
CA ILE A 261 1.02 24.70 8.03
C ILE A 261 0.67 24.01 9.33
N PRO A 262 0.29 24.78 10.36
CA PRO A 262 -0.11 24.18 11.65
C PRO A 262 -1.37 23.33 11.49
N LEU A 263 -1.39 22.19 12.16
CA LEU A 263 -2.58 21.34 12.16
C LEU A 263 -3.02 21.13 13.59
N HIS A 264 -4.14 21.76 13.94
CA HIS A 264 -4.74 21.58 15.25
C HIS A 264 -5.78 20.48 15.15
N GLN A 265 -6.17 19.95 16.29
CA GLN A 265 -7.16 18.88 16.36
C GLN A 265 -8.37 19.13 15.46
N GLY A 266 -8.64 18.20 14.56
CA GLY A 266 -9.82 18.29 13.72
C GLY A 266 -9.67 19.07 12.42
N ASP A 267 -8.51 19.65 12.20
CA ASP A 267 -8.23 20.35 10.94
C ASP A 267 -8.13 19.35 9.79
N CYS A 268 -8.56 19.77 8.61
CA CYS A 268 -8.43 18.96 7.41
C CYS A 268 -7.69 19.75 6.32
N TYR A 269 -6.79 19.08 5.61
CA TYR A 269 -6.19 19.71 4.44
C TYR A 269 -6.35 18.85 3.19
N PHE A 270 -6.39 19.50 2.03
CA PHE A 270 -6.65 18.81 0.77
C PHE A 270 -5.58 19.18 -0.25
N MET A 271 -5.02 18.16 -0.90
CA MET A 271 -4.16 18.36 -2.05
C MET A 271 -4.98 18.12 -3.31
N LEU A 272 -5.15 19.15 -4.14
CA LEU A 272 -6.02 19.06 -5.30
C LEU A 272 -5.26 18.92 -6.61
N ASP A 273 -5.88 18.22 -7.56
CA ASP A 273 -5.37 18.17 -8.93
C ASP A 273 -3.92 17.73 -8.92
N ASP A 274 -3.04 18.51 -9.52
CA ASP A 274 -1.65 18.08 -9.69
C ASP A 274 -0.71 18.45 -8.54
N LEU A 275 -1.26 18.97 -7.44
CA LEU A 275 -0.43 19.42 -6.32
C LEU A 275 0.47 18.30 -5.78
N ASN A 276 -0.12 17.13 -5.56
CA ASN A 276 0.62 16.02 -4.97
C ASN A 276 1.77 15.56 -5.87
N ALA A 277 1.62 15.77 -7.18
CA ALA A 277 2.65 15.41 -8.14
C ALA A 277 3.76 16.45 -8.25
N THR A 278 3.38 17.74 -8.22
CA THR A 278 4.33 18.82 -8.47
C THR A 278 5.05 19.26 -7.20
N HIS A 279 4.47 18.91 -6.04
CA HIS A 279 5.00 19.32 -4.74
C HIS A 279 5.29 18.11 -3.86
N GLN A 280 6.23 18.28 -2.93
CA GLN A 280 6.48 17.28 -1.90
C GLN A 280 5.89 17.78 -0.58
N HIS A 281 5.53 16.87 0.30
CA HIS A 281 5.06 17.23 1.62
C HIS A 281 5.70 16.34 2.68
N CYS A 282 5.76 16.85 3.91
CA CYS A 282 6.30 16.10 5.01
C CYS A 282 5.41 16.35 6.21
N VAL A 283 5.57 15.56 7.26
CA VAL A 283 4.80 15.80 8.47
C VAL A 283 5.76 16.19 9.58
N LEU A 284 5.54 17.36 10.14
CA LEU A 284 6.41 17.89 11.18
C LEU A 284 5.81 17.52 12.55
N ALA A 285 6.59 16.80 13.36
CA ALA A 285 6.08 16.27 14.62
C ALA A 285 5.86 17.36 15.66
N GLY A 286 4.77 17.22 16.42
CA GLY A 286 4.55 18.03 17.60
C GLY A 286 4.98 17.26 18.83
N SER A 287 4.51 17.67 20.00
CA SER A 287 4.93 17.03 21.25
C SER A 287 3.98 15.92 21.70
N GLN A 288 2.73 15.98 21.24
CA GLN A 288 1.73 14.99 21.63
C GLN A 288 1.48 13.96 20.53
N PRO A 289 0.95 12.79 20.89
CA PRO A 289 0.59 11.80 19.87
C PRO A 289 -0.43 12.38 18.88
N ARG A 290 -0.53 11.79 17.70
CA ARG A 290 -1.43 12.29 16.67
C ARG A 290 -1.89 11.19 15.72
N PHE A 291 -3.17 11.20 15.39
CA PHE A 291 -3.73 10.32 14.38
C PHE A 291 -4.01 11.13 13.13
N SER A 292 -4.06 10.47 11.98
CA SER A 292 -4.58 11.10 10.78
C SER A 292 -5.31 10.08 9.91
N SER A 293 -6.31 10.56 9.18
CA SER A 293 -7.00 9.75 8.19
C SER A 293 -6.74 10.35 6.82
N THR A 294 -6.08 9.59 5.95
CA THR A 294 -5.68 10.10 4.65
C THR A 294 -6.41 9.39 3.51
N HIS A 295 -7.45 10.07 3.02
CA HIS A 295 -8.31 9.52 1.97
C HIS A 295 -7.72 9.74 0.59
N ARG A 296 -7.73 8.67 -0.20
CA ARG A 296 -7.03 8.64 -1.48
C ARG A 296 -7.85 7.91 -2.54
N VAL A 297 -7.61 8.24 -3.80
CA VAL A 297 -8.12 7.44 -4.90
C VAL A 297 -6.96 6.56 -5.36
N ALA A 298 -6.84 5.38 -4.77
CA ALA A 298 -5.76 4.45 -5.11
C ALA A 298 -5.95 3.87 -6.51
N GLU A 299 -4.85 3.82 -7.25
CA GLU A 299 -4.86 3.19 -8.57
C GLU A 299 -4.92 1.68 -8.33
N CYS A 300 -5.93 1.02 -8.87
CA CYS A 300 -6.17 -0.37 -8.50
C CYS A 300 -6.42 -1.30 -9.68
N SER A 301 -5.96 -0.92 -10.85
CA SER A 301 -6.19 -1.75 -12.04
C SER A 301 -5.60 -3.15 -11.87
N THR A 302 -4.59 -3.27 -11.00
CA THR A 302 -3.99 -4.57 -10.73
C THR A 302 -3.91 -4.82 -9.23
N GLY A 303 -4.84 -4.23 -8.48
CA GLY A 303 -4.75 -4.26 -7.03
C GLY A 303 -6.01 -4.64 -6.29
N THR A 304 -6.93 -5.34 -6.96
CA THR A 304 -8.14 -5.82 -6.30
C THR A 304 -8.20 -7.34 -6.27
N LEU A 305 -8.93 -7.88 -5.31
CA LEU A 305 -9.14 -9.32 -5.24
C LEU A 305 -9.77 -9.86 -6.52
N ASP A 306 -10.76 -9.14 -7.03
CA ASP A 306 -11.44 -9.54 -8.27
C ASP A 306 -10.43 -9.64 -9.41
N TYR A 307 -9.53 -8.66 -9.49
CA TYR A 307 -8.51 -8.64 -10.53
C TYR A 307 -7.58 -9.85 -10.49
N ILE A 308 -7.02 -10.14 -9.31
CA ILE A 308 -6.04 -11.21 -9.18
C ILE A 308 -6.70 -12.59 -9.32
N LEU A 309 -7.95 -12.71 -8.88
CA LEU A 309 -8.69 -13.95 -9.09
C LEU A 309 -8.91 -14.18 -10.58
N GLN A 310 -9.23 -13.11 -11.32
CA GLN A 310 -9.38 -13.23 -12.77
C GLN A 310 -8.08 -13.66 -13.44
N ARG A 311 -6.96 -13.08 -13.00
CA ARG A 311 -5.65 -13.48 -13.51
C ARG A 311 -5.46 -14.98 -13.29
N CYS A 312 -5.83 -15.46 -12.12
CA CYS A 312 -5.66 -16.88 -11.77
C CYS A 312 -6.50 -17.77 -12.66
N GLN A 313 -7.73 -17.35 -12.93
CA GLN A 313 -8.61 -18.12 -13.79
C GLN A 313 -8.06 -18.15 -15.23
N LEU A 314 -7.47 -17.04 -15.66
CA LEU A 314 -6.84 -16.98 -16.97
C LEU A 314 -5.72 -18.00 -17.11
N ALA A 315 -4.83 -18.05 -16.12
CA ALA A 315 -3.73 -19.00 -16.13
C ALA A 315 -4.25 -20.43 -16.16
N LEU A 316 -5.29 -20.68 -15.36
CA LEU A 316 -5.79 -22.05 -15.18
C LEU A 316 -6.58 -22.56 -16.38
N GLN A 317 -6.86 -21.69 -17.34
CA GLN A 317 -7.54 -22.09 -18.56
C GLN A 317 -6.65 -23.01 -19.39
N ASN A 318 -5.35 -23.00 -19.12
CA ASN A 318 -4.45 -23.89 -19.82
C ASN A 318 -4.35 -25.25 -19.12
N VAL A 319 -5.24 -25.48 -18.15
CA VAL A 319 -5.20 -26.69 -17.36
C VAL A 319 -6.50 -27.49 -17.51
N CYS A 320 -6.37 -28.78 -17.83
CA CYS A 320 -7.51 -29.68 -17.85
C CYS A 320 -8.14 -29.71 -16.46
N ASP A 321 -9.40 -29.32 -16.36
CA ASP A 321 -9.98 -29.00 -15.07
C ASP A 321 -11.11 -29.91 -14.60
N ASP A 322 -11.12 -31.15 -15.07
CA ASP A 322 -12.12 -32.12 -14.64
C ASP A 322 -12.09 -32.33 -13.13
N VAL A 323 -10.89 -32.51 -12.60
CA VAL A 323 -10.74 -32.87 -11.19
C VAL A 323 -9.49 -32.23 -10.59
N ASP A 324 -9.60 -31.83 -9.32
CA ASP A 324 -8.50 -31.22 -8.60
C ASP A 324 -7.64 -32.28 -7.91
N ASN A 325 -6.62 -32.77 -8.61
CA ASN A 325 -5.67 -33.71 -8.02
C ASN A 325 -4.23 -33.39 -8.38
N ASP A 326 -3.31 -34.28 -8.00
CA ASP A 326 -1.88 -34.06 -8.20
C ASP A 326 -1.48 -34.24 -9.66
N ASP A 327 -2.40 -34.76 -10.46
CA ASP A 327 -2.17 -34.93 -11.89
C ASP A 327 -2.54 -33.67 -12.65
N VAL A 328 -1.54 -32.96 -13.17
CA VAL A 328 -1.79 -31.76 -13.96
C VAL A 328 -1.43 -31.97 -15.43
N SER A 329 -2.41 -31.87 -16.31
CA SER A 329 -2.13 -31.91 -17.73
C SER A 329 -2.54 -30.59 -18.37
N LEU A 330 -1.71 -30.10 -19.29
CA LEU A 330 -1.96 -28.80 -19.90
C LEU A 330 -2.61 -28.90 -21.28
N LYS A 331 -3.47 -27.95 -21.60
CA LYS A 331 -4.14 -27.94 -22.89
C LYS A 331 -3.17 -27.55 -24.00
N SER A 332 -2.18 -26.72 -23.68
CA SER A 332 -1.28 -26.22 -24.69
C SER A 332 0.13 -25.96 -24.17
N PHE A 333 1.12 -26.22 -25.01
CA PHE A 333 2.51 -25.94 -24.66
C PHE A 333 3.06 -24.83 -25.54
N GLU A 334 2.16 -24.08 -26.17
CA GLU A 334 2.55 -22.88 -26.92
C GLU A 334 3.26 -21.89 -26.00
N PRO A 335 4.40 -21.34 -26.46
CA PRO A 335 5.24 -20.40 -25.70
C PRO A 335 4.47 -19.24 -25.09
N ALA A 336 3.67 -18.55 -25.89
CA ALA A 336 2.94 -17.37 -25.41
C ALA A 336 2.05 -17.70 -24.22
N VAL A 337 1.39 -18.85 -24.28
CA VAL A 337 0.49 -19.30 -23.21
C VAL A 337 1.24 -19.71 -21.96
N LEU A 338 2.36 -20.42 -22.13
CA LEU A 338 3.16 -20.86 -20.99
C LEU A 338 3.83 -19.68 -20.29
N LYS A 339 4.23 -18.69 -21.08
CA LYS A 339 4.85 -17.47 -20.56
C LYS A 339 3.88 -16.74 -19.65
N GLN A 340 2.68 -16.48 -20.19
CA GLN A 340 1.62 -15.83 -19.44
C GLN A 340 1.33 -16.59 -18.14
N GLY A 341 1.28 -17.92 -18.22
CA GLY A 341 0.99 -18.75 -17.07
C GLY A 341 1.98 -18.60 -15.94
N GLU A 342 3.27 -18.63 -16.24
CA GLU A 342 4.30 -18.52 -15.22
C GLU A 342 4.40 -17.08 -14.67
N GLU A 343 3.99 -16.11 -15.46
CA GLU A 343 3.97 -14.72 -14.99
C GLU A 343 2.86 -14.50 -13.98
N ILE A 344 1.68 -15.03 -14.28
CA ILE A 344 0.55 -14.96 -13.36
C ILE A 344 0.94 -15.70 -12.08
N HIS A 345 1.61 -16.83 -12.26
CA HIS A 345 2.13 -17.62 -11.15
C HIS A 345 2.97 -16.73 -10.23
N ASN A 346 3.90 -15.96 -10.81
CA ASN A 346 4.74 -15.04 -10.04
C ASN A 346 3.91 -13.95 -9.39
N GLU A 347 2.98 -13.39 -10.15
CA GLU A 347 2.17 -12.29 -9.64
C GLU A 347 1.41 -12.66 -8.37
N VAL A 348 0.74 -13.82 -8.39
CA VAL A 348 -0.07 -14.22 -7.25
C VAL A 348 0.82 -14.54 -6.05
N GLU A 349 1.95 -15.20 -6.33
CA GLU A 349 2.85 -15.59 -5.26
C GLU A 349 3.47 -14.39 -4.53
N PHE A 350 4.00 -13.44 -5.31
CA PHE A 350 4.81 -12.37 -4.72
C PHE A 350 4.05 -11.08 -4.43
N GLU A 351 3.15 -10.69 -5.32
CA GLU A 351 2.38 -9.48 -5.10
C GLU A 351 1.22 -9.70 -4.12
N TRP A 352 0.87 -10.96 -3.91
CA TRP A 352 -0.30 -11.28 -3.08
C TRP A 352 0.01 -12.16 -1.86
N LEU A 353 0.35 -13.42 -2.08
CA LEU A 353 0.58 -14.34 -0.98
C LEU A 353 1.73 -13.87 -0.06
N ARG A 354 2.91 -13.66 -0.62
CA ARG A 354 4.07 -13.22 0.14
C ARG A 354 3.81 -11.92 0.88
N GLN A 355 3.24 -10.95 0.17
CA GLN A 355 2.96 -9.65 0.77
C GLN A 355 2.06 -9.79 1.98
N PHE A 356 1.03 -10.62 1.85
CA PHE A 356 0.02 -10.77 2.89
C PHE A 356 0.59 -11.42 4.14
N TRP A 357 1.24 -12.56 3.96
CA TRP A 357 1.74 -13.32 5.11
C TRP A 357 2.97 -12.68 5.77
N PHE A 358 3.71 -11.86 5.07
CA PHE A 358 4.82 -11.18 5.68
C PHE A 358 4.30 -10.21 6.67
N GLN A 359 3.07 -9.81 6.50
CA GLN A 359 2.50 -8.90 7.43
C GLN A 359 2.12 -9.68 8.68
N GLY A 360 3.13 -10.25 9.28
CA GLY A 360 2.92 -11.10 10.43
C GLY A 360 1.76 -10.63 11.25
N ASN A 361 1.86 -9.38 11.68
CA ASN A 361 0.82 -8.72 12.41
C ASN A 361 -0.34 -8.27 11.55
N ARG A 362 -1.58 -8.69 11.74
CA ARG A 362 -2.60 -7.80 11.18
C ARG A 362 -4.12 -7.94 11.28
N TYR A 363 -4.71 -8.74 10.44
CA TYR A 363 -6.12 -8.59 10.20
C TYR A 363 -6.91 -9.59 10.99
N ARG A 364 -6.28 -10.69 11.35
CA ARG A 364 -6.96 -11.69 12.12
C ARG A 364 -7.34 -10.88 13.31
N LYS A 365 -6.76 -9.70 13.36
CA LYS A 365 -6.94 -8.78 14.47
C LYS A 365 -7.70 -7.52 14.11
N CYS A 366 -8.14 -7.40 12.87
CA CYS A 366 -9.03 -6.32 12.52
C CYS A 366 -10.11 -6.85 11.62
N THR A 367 -9.84 -7.92 10.90
CA THR A 367 -10.90 -8.39 10.05
C THR A 367 -10.99 -9.89 9.78
N ASP A 368 -10.03 -10.47 9.09
CA ASP A 368 -10.25 -11.83 8.67
C ASP A 368 -11.08 -11.86 7.42
N TRP A 369 -11.23 -10.73 6.76
CA TRP A 369 -11.94 -10.70 5.52
C TRP A 369 -11.07 -11.35 4.49
N TRP A 370 -9.78 -11.16 4.59
CA TRP A 370 -8.87 -11.71 3.59
C TRP A 370 -8.49 -13.16 3.88
N CYS A 371 -9.01 -13.71 4.98
CA CYS A 371 -8.82 -15.11 5.35
C CYS A 371 -9.06 -16.07 4.19
N GLN A 372 -10.33 -16.23 3.85
CA GLN A 372 -10.76 -17.13 2.80
C GLN A 372 -10.15 -16.79 1.44
N PRO A 373 -10.21 -15.51 1.04
CA PRO A 373 -9.57 -15.13 -0.23
C PRO A 373 -8.11 -15.56 -0.31
N MET A 374 -7.37 -15.40 0.78
CA MET A 374 -5.96 -15.80 0.78
C MET A 374 -5.78 -17.32 0.72
N ALA A 375 -6.68 -18.07 1.37
CA ALA A 375 -6.66 -19.53 1.26
C ALA A 375 -6.92 -19.94 -0.17
N GLN A 376 -7.90 -19.28 -0.79
CA GLN A 376 -8.24 -19.53 -2.20
C GLN A 376 -7.10 -19.19 -3.16
N LEU A 377 -6.46 -18.05 -2.96
CA LEU A 377 -5.33 -17.66 -3.80
C LEU A 377 -4.20 -18.69 -3.68
N GLU A 378 -3.97 -19.18 -2.47
CA GLU A 378 -2.90 -20.16 -2.26
C GLU A 378 -3.20 -21.48 -2.98
N ALA A 379 -4.45 -21.95 -2.89
CA ALA A 379 -4.85 -23.15 -3.62
C ALA A 379 -4.72 -22.94 -5.12
N LEU A 380 -5.05 -21.74 -5.59
CA LEU A 380 -4.87 -21.41 -7.00
C LEU A 380 -3.38 -21.49 -7.34
N TRP A 381 -2.57 -20.84 -6.52
CA TRP A 381 -1.11 -20.88 -6.66
C TRP A 381 -0.58 -22.31 -6.60
N LYS A 382 -1.17 -23.11 -5.72
CA LYS A 382 -0.80 -24.52 -5.58
C LYS A 382 -0.94 -25.27 -6.91
N LYS A 383 -2.09 -25.10 -7.55
CA LYS A 383 -2.31 -25.69 -8.87
C LYS A 383 -1.26 -25.22 -9.87
N MET A 384 -0.88 -23.95 -9.78
CA MET A 384 0.10 -23.40 -10.71
C MET A 384 1.49 -24.00 -10.48
N GLU A 385 1.78 -24.40 -9.26
CA GLU A 385 3.03 -25.08 -8.95
C GLU A 385 3.02 -26.41 -9.72
N GLY A 386 1.85 -27.02 -9.81
CA GLY A 386 1.69 -28.24 -10.60
C GLY A 386 1.83 -27.96 -12.08
N VAL A 387 1.41 -26.77 -12.50
CA VAL A 387 1.55 -26.35 -13.89
C VAL A 387 3.03 -26.25 -14.26
N THR A 388 3.81 -25.59 -13.42
CA THR A 388 5.25 -25.46 -13.63
C THR A 388 5.88 -26.84 -13.79
N ASN A 389 5.50 -27.76 -12.91
CA ASN A 389 6.05 -29.11 -12.92
C ASN A 389 5.68 -29.88 -14.18
N ALA A 390 4.52 -29.58 -14.75
CA ALA A 390 4.09 -30.21 -15.98
C ALA A 390 4.93 -29.68 -17.14
N VAL A 391 5.20 -28.37 -17.12
CA VAL A 391 6.02 -27.74 -18.14
C VAL A 391 7.43 -28.33 -18.12
N LEU A 392 8.03 -28.37 -16.93
CA LEU A 392 9.36 -28.95 -16.75
C LEU A 392 9.40 -30.39 -17.25
N HIS A 393 8.32 -31.13 -17.02
CA HIS A 393 8.24 -32.52 -17.45
C HIS A 393 8.22 -32.62 -18.97
N GLU A 394 7.44 -31.73 -19.60
CA GLU A 394 7.35 -31.71 -21.05
C GLU A 394 8.67 -31.28 -21.67
N VAL A 395 9.42 -30.45 -20.95
CA VAL A 395 10.74 -30.03 -21.37
C VAL A 395 11.72 -31.20 -21.34
N LYS A 396 11.37 -32.23 -20.58
CA LYS A 396 12.21 -33.42 -20.44
C LYS A 396 11.85 -34.50 -21.47
N ARG A 397 10.57 -34.56 -21.84
CA ARG A 397 10.06 -35.61 -22.72
C ARG A 397 11.04 -35.98 -23.84
N GLU A 398 11.26 -37.28 -24.00
CA GLU A 398 12.24 -37.78 -24.98
C GLU A 398 11.88 -37.44 -26.42
N GLY A 399 10.58 -37.47 -26.73
CA GLY A 399 10.12 -37.22 -28.09
C GLY A 399 9.64 -35.81 -28.36
N LEU A 400 10.47 -34.82 -28.01
CA LEU A 400 10.15 -33.42 -28.27
C LEU A 400 11.29 -32.74 -29.03
N PRO A 401 11.01 -32.29 -30.26
CA PRO A 401 12.02 -31.61 -31.09
C PRO A 401 12.69 -30.47 -30.35
N VAL A 402 14.01 -30.32 -30.53
CA VAL A 402 14.77 -29.31 -29.82
C VAL A 402 14.29 -27.89 -30.15
N GLU A 403 13.68 -27.74 -31.31
CA GLU A 403 13.10 -26.46 -31.71
C GLU A 403 12.02 -26.02 -30.74
N GLN A 404 10.97 -26.83 -30.63
CA GLN A 404 9.86 -26.55 -29.71
C GLN A 404 10.35 -26.48 -28.27
N ARG A 405 11.38 -27.27 -27.96
CA ARG A 405 11.92 -27.35 -26.61
C ARG A 405 12.65 -26.06 -26.22
N ASN A 406 13.29 -25.44 -27.20
CA ASN A 406 13.98 -24.18 -26.96
C ASN A 406 13.01 -22.99 -26.92
N GLU A 407 11.93 -23.08 -27.69
CA GLU A 407 10.91 -22.06 -27.69
C GLU A 407 10.23 -21.99 -26.33
N ILE A 408 10.08 -23.15 -25.70
CA ILE A 408 9.50 -23.22 -24.36
C ILE A 408 10.43 -22.60 -23.32
N LEU A 409 11.70 -22.97 -23.38
CA LEU A 409 12.69 -22.47 -22.44
C LEU A 409 12.89 -20.97 -22.57
N THR A 410 12.92 -20.48 -23.81
CA THR A 410 13.09 -19.06 -24.06
C THR A 410 11.85 -18.28 -23.62
N ALA A 411 10.74 -18.99 -23.45
CA ALA A 411 9.49 -18.35 -23.06
C ALA A 411 9.32 -18.26 -21.55
N ILE A 412 9.81 -19.26 -20.82
CA ILE A 412 9.56 -19.34 -19.38
C ILE A 412 10.77 -19.04 -18.50
N LEU A 413 11.95 -18.92 -19.10
CA LEU A 413 13.17 -18.73 -18.32
C LEU A 413 13.17 -17.43 -17.51
N ALA A 414 12.73 -16.33 -18.12
CA ALA A 414 12.70 -15.04 -17.43
C ALA A 414 11.78 -15.07 -16.21
N SER A 415 10.73 -15.88 -16.26
CA SER A 415 9.77 -15.99 -15.16
C SER A 415 10.30 -16.84 -14.01
N LEU A 416 10.89 -17.98 -14.34
CA LEU A 416 11.45 -18.88 -13.33
C LEU A 416 12.68 -18.26 -12.69
N THR A 417 13.34 -17.37 -13.43
CA THR A 417 14.48 -16.61 -12.91
C THR A 417 14.02 -15.71 -11.78
N ALA A 418 13.01 -14.89 -12.06
CA ALA A 418 12.45 -13.99 -11.06
C ALA A 418 11.88 -14.75 -9.88
N ARG A 419 11.27 -15.90 -10.15
CA ARG A 419 10.69 -16.70 -9.07
C ARG A 419 11.77 -17.07 -8.07
N GLN A 420 12.91 -17.52 -8.58
CA GLN A 420 14.03 -17.90 -7.75
C GLN A 420 14.57 -16.69 -6.97
N ASN A 421 14.86 -15.61 -7.69
CA ASN A 421 15.38 -14.40 -7.07
C ASN A 421 14.44 -13.84 -6.00
N LEU A 422 13.17 -13.66 -6.37
CA LEU A 422 12.19 -13.12 -5.42
C LEU A 422 12.07 -14.02 -4.19
N ARG A 423 12.16 -15.33 -4.39
CA ARG A 423 12.06 -16.27 -3.28
C ARG A 423 13.22 -16.14 -2.30
N ARG A 424 14.40 -15.81 -2.81
CA ARG A 424 15.55 -15.57 -1.95
C ARG A 424 15.33 -14.31 -1.13
N GLU A 425 15.04 -13.22 -1.85
CA GLU A 425 14.73 -11.94 -1.23
C GLU A 425 13.72 -12.10 -0.09
N TRP A 426 12.55 -12.66 -0.40
CA TRP A 426 11.50 -12.80 0.60
C TRP A 426 11.89 -13.69 1.77
N HIS A 427 12.68 -14.72 1.51
CA HIS A 427 13.14 -15.61 2.59
C HIS A 427 14.06 -14.86 3.54
N ALA A 428 14.95 -14.04 2.97
CA ALA A 428 15.90 -13.26 3.75
C ALA A 428 15.19 -12.24 4.65
N ARG A 429 14.17 -11.58 4.11
CA ARG A 429 13.44 -10.57 4.86
C ARG A 429 12.77 -11.17 6.10
N CYS A 430 12.38 -12.43 6.00
CA CYS A 430 11.72 -13.10 7.11
C CYS A 430 12.72 -13.50 8.19
N GLN A 431 14.00 -13.52 7.84
CA GLN A 431 15.04 -13.98 8.74
C GLN A 431 15.97 -12.87 9.23
N SER A 432 15.76 -11.65 8.76
CA SER A 432 16.60 -10.53 9.14
C SER A 432 16.66 -10.36 10.65
N ARG A 433 17.81 -9.96 11.17
CA ARG A 433 17.94 -9.67 12.60
C ARG A 433 16.81 -8.76 13.04
N ILE A 434 16.54 -7.74 12.23
CA ILE A 434 15.48 -6.78 12.51
C ILE A 434 14.14 -7.49 12.69
N ALA A 435 13.94 -8.57 11.94
CA ALA A 435 12.67 -9.29 11.96
C ALA A 435 12.50 -10.17 13.19
N ARG A 436 13.57 -10.86 13.57
CA ARG A 436 13.52 -11.76 14.72
C ARG A 436 13.53 -10.99 16.04
N THR A 437 13.49 -9.66 15.94
CA THR A 437 13.41 -8.80 17.11
C THR A 437 11.96 -8.63 17.56
N LEU A 438 11.05 -8.61 16.59
CA LEU A 438 9.63 -8.43 16.88
C LEU A 438 9.10 -9.51 17.82
N PRO A 439 8.02 -9.20 18.55
CA PRO A 439 7.39 -10.16 19.46
C PRO A 439 6.72 -11.30 18.71
N ALA A 440 6.34 -12.35 19.44
CA ALA A 440 5.77 -13.55 18.84
C ALA A 440 4.56 -13.26 17.95
N ASP A 441 3.68 -12.39 18.42
CA ASP A 441 2.43 -12.11 17.72
C ASP A 441 2.66 -11.48 16.34
N GLN A 442 3.75 -10.75 16.18
CA GLN A 442 4.03 -10.06 14.92
C GLN A 442 4.90 -10.90 13.98
N LYS A 443 6.21 -10.78 14.12
CA LYS A 443 7.19 -11.53 13.31
C LYS A 443 6.66 -12.16 12.03
N PRO A 444 7.19 -11.70 10.88
CA PRO A 444 6.76 -12.09 9.53
C PRO A 444 6.69 -13.60 9.31
N GLU A 445 5.79 -14.03 8.43
CA GLU A 445 5.68 -15.44 8.07
C GLU A 445 6.10 -15.58 6.61
N CYS A 446 6.70 -16.71 6.27
CA CYS A 446 7.19 -16.93 4.91
C CYS A 446 6.29 -17.88 4.11
N ARG A 447 4.98 -17.63 4.15
CA ARG A 447 4.03 -18.45 3.42
C ARG A 447 3.93 -18.05 1.95
N PRO A 448 3.89 -19.04 1.06
CA PRO A 448 4.01 -20.46 1.43
C PRO A 448 5.46 -20.93 1.49
N TYR A 449 5.77 -21.81 2.44
CA TYR A 449 7.11 -22.36 2.59
C TYR A 449 7.04 -23.83 2.94
N TRP A 450 7.94 -24.62 2.38
CA TRP A 450 7.94 -26.06 2.60
C TRP A 450 9.33 -26.67 2.45
N GLU A 451 9.53 -27.81 3.09
CA GLU A 451 10.80 -28.54 3.01
C GLU A 451 10.68 -29.68 2.01
N LYS A 452 11.82 -30.18 1.54
CA LYS A 452 11.83 -31.32 0.61
C LYS A 452 11.17 -32.52 1.24
N ASP A 453 11.38 -32.68 2.55
CA ASP A 453 10.72 -33.70 3.34
C ASP A 453 9.25 -33.78 2.93
N ASP A 454 8.68 -32.63 2.64
CA ASP A 454 7.27 -32.50 2.27
C ASP A 454 7.02 -33.00 0.85
N ALA A 455 6.07 -33.92 0.72
CA ALA A 455 5.69 -34.45 -0.58
C ALA A 455 4.23 -34.16 -0.89
N SER A 456 3.76 -32.98 -0.47
CA SER A 456 2.45 -32.49 -0.86
C SER A 456 2.65 -31.45 -1.96
N MET A 457 3.89 -31.03 -2.13
CA MET A 457 4.28 -30.10 -3.18
C MET A 457 5.12 -30.83 -4.23
N PRO A 458 4.89 -30.52 -5.51
CA PRO A 458 5.57 -31.21 -6.62
C PRO A 458 6.96 -30.65 -6.94
N LEU A 459 7.21 -29.40 -6.58
CA LEU A 459 8.47 -28.74 -6.89
C LEU A 459 9.15 -28.18 -5.66
N PRO A 460 10.50 -28.13 -5.67
CA PRO A 460 11.26 -27.60 -4.54
C PRO A 460 11.08 -26.10 -4.40
N PHE A 461 11.27 -25.59 -3.19
CA PHE A 461 11.21 -24.16 -2.93
C PHE A 461 12.34 -23.42 -3.64
N ASP A 462 13.52 -24.05 -3.63
CA ASP A 462 14.69 -23.49 -4.31
C ASP A 462 14.78 -24.06 -5.71
N LEU A 463 14.82 -23.16 -6.71
CA LEU A 463 14.76 -23.58 -8.10
C LEU A 463 16.10 -23.40 -8.83
N THR A 464 17.11 -22.91 -8.12
CA THR A 464 18.40 -22.62 -8.73
C THR A 464 18.92 -23.78 -9.57
N ASP A 465 18.76 -25.00 -9.06
CA ASP A 465 19.16 -26.19 -9.79
C ASP A 465 18.35 -26.32 -11.07
N ILE A 466 17.02 -26.35 -10.92
CA ILE A 466 16.11 -26.43 -12.05
C ILE A 466 16.34 -25.27 -13.01
N VAL A 467 16.65 -24.11 -12.47
CA VAL A 467 16.84 -22.90 -13.28
C VAL A 467 18.13 -22.96 -14.09
N SER A 468 19.23 -23.29 -13.42
CA SER A 468 20.53 -23.41 -14.10
C SER A 468 20.48 -24.48 -15.18
N GLU A 469 19.87 -25.61 -14.86
CA GLU A 469 19.75 -26.72 -15.80
C GLU A 469 19.02 -26.31 -17.06
N LEU A 470 18.04 -25.42 -16.91
CA LEU A 470 17.27 -24.92 -18.04
C LEU A 470 18.10 -24.00 -18.92
N ARG A 471 18.96 -23.21 -18.29
CA ARG A 471 19.81 -22.28 -19.03
C ARG A 471 20.90 -23.04 -19.76
N GLY A 472 21.50 -24.02 -19.09
CA GLY A 472 22.55 -24.82 -19.69
C GLY A 472 22.13 -25.40 -21.02
N GLN A 473 20.92 -25.95 -21.08
CA GLN A 473 20.40 -26.55 -22.29
C GLN A 473 20.23 -25.50 -23.39
N LEU A 474 19.76 -24.32 -23.03
CA LEU A 474 19.54 -23.25 -23.98
C LEU A 474 20.83 -22.51 -24.25
CL CL B . -0.90 24.74 -6.39
CL CL C . 8.56 15.54 -9.80
CL CL D . 3.10 11.19 -8.17
CL CL E . -8.77 -24.72 -7.66
CL CL F . -14.69 -8.06 -3.46
CL CL G . -16.32 4.95 -2.68
CL CL H . -3.84 7.76 22.56
CL CL I . -4.49 11.51 20.65
CL CL J . -8.68 22.12 -12.90
FE FE2 K . 2.36 11.77 4.27
C1 AKG L . 1.68 9.22 6.27
O1 AKG L . 1.92 8.57 7.33
O2 AKG L . 1.71 8.66 5.15
C2 AKG L . 1.34 10.68 6.35
O5 AKG L . 2.15 11.48 6.81
C3 AKG L . 0.04 11.17 5.82
C4 AKG L . -0.22 12.64 5.88
C5 AKG L . -0.58 13.17 7.23
O3 AKG L . -0.60 12.38 8.19
O4 AKG L . -0.87 14.38 7.39
C10 58W M . 13.00 5.41 5.45
C11 58W M . 11.65 5.41 5.81
C12 58W M . 12.06 3.82 7.73
C13 58W M . 10.03 4.09 7.19
C14 58W M . 10.86 2.94 7.67
C15 58W M . 10.72 5.88 4.91
C16 58W M . 11.10 6.34 3.65
C01 58W M . 12.27 7.63 9.67
C02 58W M . 11.80 8.83 9.15
C03 58W M . 11.76 9.96 9.96
C04 58W M . 12.19 9.91 11.27
C05 58W M . 12.68 8.71 11.79
C06 58W M . 12.72 7.57 10.99
C07 58W M . 13.39 5.87 4.21
C08 58W M . 11.16 6.10 8.06
C09 58W M . 11.25 4.94 7.14
C 58W M . 12.44 6.34 3.30
N 58W M . 12.32 6.49 8.82
O01 58W M . 10.12 6.74 8.15
O02 58W M . 12.13 11.05 12.04
O 58W M . 13.19 6.38 11.49
CL 58W M . 11.17 11.43 9.32
#